data_1XZL
#
_entry.id   1XZL
#
_cell.length_a   35.120
_cell.length_b   67.360
_cell.length_c   37.050
_cell.angle_alpha   90.00
_cell.angle_beta   93.90
_cell.angle_gamma   90.00
#
_symmetry.space_group_name_H-M   'P 1 21 1'
#
loop_
_entity.id
_entity.type
_entity.pdbx_description
1 polymer CUTINASE
2 non-polymer 'N-HEXYLPHOSPHONATE ETHYL ESTER'
3 water water
#
_entity_poly.entity_id   1
_entity_poly.type   'polypeptide(L)'
_entity_poly.pdbx_seq_one_letter_code
;LPTSNPAQELEARQLERTTRDDLINGNSASCADVIFIYARGSTETGNLGTLGPSIASNLESAFGKDGVWIQGVGGAYRAT
LGDNALPRGTSSAAIREMLGLFQQANTKCPDATLIAGGYSQGAALAAASIEDLDSAIRDKIAGTVLFGYTKNLQNRGRIP
NYPADRTKVFCNTGDLVCTGSLIVAAPHLAYGPDARGPAPEFLIEKVRAVRGSA
;
_entity_poly.pdbx_strand_id   A
#
# COMPACT_ATOMS: atom_id res chain seq x y z
N ARG A 17 -12.98 9.70 3.97
CA ARG A 17 -12.06 9.95 5.10
C ARG A 17 -11.26 8.70 5.34
N THR A 18 -11.51 7.98 6.44
CA THR A 18 -10.75 6.75 6.72
C THR A 18 -11.21 5.51 5.98
N THR A 19 -12.33 5.63 5.26
CA THR A 19 -12.82 4.51 4.48
C THR A 19 -13.01 4.93 3.03
N ARG A 20 -12.33 4.24 2.14
CA ARG A 20 -12.46 4.50 0.70
C ARG A 20 -12.55 3.16 -0.01
N ASP A 21 -13.59 3.01 -0.81
CA ASP A 21 -13.80 1.79 -1.57
C ASP A 21 -14.06 2.18 -3.02
N ASP A 22 -13.22 3.05 -3.57
CA ASP A 22 -13.42 3.52 -4.95
C ASP A 22 -13.40 2.41 -6.00
N LEU A 23 -12.54 1.41 -5.81
CA LEU A 23 -12.45 0.31 -6.77
C LEU A 23 -13.71 -0.55 -6.73
N ILE A 24 -14.11 -0.96 -5.52
CA ILE A 24 -15.31 -1.79 -5.38
C ILE A 24 -16.57 -1.06 -5.87
N ASN A 25 -16.67 0.24 -5.58
CA ASN A 25 -17.84 1.05 -5.95
C ASN A 25 -17.80 1.56 -7.37
N GLY A 26 -16.59 1.60 -7.93
CA GLY A 26 -16.38 2.13 -9.27
C GLY A 26 -17.03 1.44 -10.46
N ASN A 27 -17.43 2.27 -11.43
CA ASN A 27 -18.06 1.79 -12.66
C ASN A 27 -16.97 1.46 -13.67
N SER A 28 -16.96 0.21 -14.15
CA SER A 28 -15.94 -0.22 -15.10
C SER A 28 -16.06 0.48 -16.45
N ALA A 29 -17.22 1.06 -16.74
CA ALA A 29 -17.38 1.78 -18.00
C ALA A 29 -16.68 3.12 -17.87
N SER A 30 -16.38 3.54 -16.65
CA SER A 30 -15.69 4.80 -16.42
C SER A 30 -14.51 4.64 -15.45
N CYS A 31 -13.60 3.74 -15.81
CA CYS A 31 -12.42 3.45 -15.00
C CYS A 31 -11.49 4.64 -14.81
N ALA A 32 -10.87 4.74 -13.63
CA ALA A 32 -9.90 5.79 -13.36
C ALA A 32 -8.62 5.34 -14.09
N ASP A 33 -7.69 6.27 -14.34
CA ASP A 33 -6.41 5.94 -14.99
C ASP A 33 -5.44 5.32 -13.98
N VAL A 34 -5.60 5.70 -12.72
CA VAL A 34 -4.72 5.23 -11.64
C VAL A 34 -5.54 4.64 -10.48
N ILE A 35 -5.14 3.48 -9.99
CA ILE A 35 -5.83 2.84 -8.86
C ILE A 35 -4.80 2.61 -7.76
N PHE A 36 -5.08 3.13 -6.57
CA PHE A 36 -4.19 3.01 -5.41
C PHE A 36 -4.80 2.07 -4.39
N ILE A 37 -4.05 1.03 -4.02
CA ILE A 37 -4.53 0.05 -3.05
C ILE A 37 -3.64 0.17 -1.83
N TYR A 38 -4.26 0.43 -0.68
CA TYR A 38 -3.50 0.68 0.54
C TYR A 38 -3.94 -0.14 1.74
N ALA A 39 -2.97 -0.64 2.50
CA ALA A 39 -3.24 -1.44 3.71
C ALA A 39 -2.80 -0.68 4.97
N ARG A 40 -3.73 -0.51 5.90
CA ARG A 40 -3.48 0.20 7.14
C ARG A 40 -2.67 -0.58 8.16
N GLY A 41 -2.28 0.11 9.22
CA GLY A 41 -1.51 -0.51 10.28
C GLY A 41 -2.39 -1.21 11.30
N SER A 42 -1.75 -1.85 12.27
CA SER A 42 -2.47 -2.56 13.32
C SER A 42 -3.40 -1.66 14.15
N THR A 43 -4.60 -2.15 14.40
CA THR A 43 -5.61 -1.46 15.21
C THR A 43 -6.15 -0.14 14.63
N GLU A 44 -5.77 0.17 13.39
CA GLU A 44 -6.26 1.41 12.78
C GLU A 44 -7.68 1.28 12.28
N THR A 45 -8.36 2.42 12.16
CA THR A 45 -9.76 2.45 11.75
C THR A 45 -10.02 2.46 10.26
N GLY A 46 -11.27 2.21 9.90
CA GLY A 46 -11.68 2.18 8.50
C GLY A 46 -10.78 1.25 7.72
N ASN A 47 -10.50 1.59 6.47
CA ASN A 47 -9.60 0.77 5.69
C ASN A 47 -8.35 1.54 5.23
N LEU A 48 -8.25 2.80 5.70
CA LEU A 48 -7.09 3.64 5.38
C LEU A 48 -6.26 4.03 6.61
N GLY A 49 -6.86 3.97 7.79
CA GLY A 49 -6.11 4.33 8.99
C GLY A 49 -5.64 5.78 9.08
N THR A 50 -4.52 5.99 9.76
CA THR A 50 -4.01 7.33 9.99
C THR A 50 -3.24 7.98 8.83
N LEU A 51 -2.52 7.18 8.04
CA LEU A 51 -1.71 7.75 6.95
C LEU A 51 -2.38 7.78 5.58
N GLY A 52 -3.20 6.77 5.30
CA GLY A 52 -3.88 6.67 4.02
C GLY A 52 -4.59 7.93 3.51
N PRO A 53 -5.40 8.61 4.35
CA PRO A 53 -6.11 9.81 3.88
C PRO A 53 -5.20 10.90 3.35
N SER A 54 -4.05 11.11 4.00
CA SER A 54 -3.09 12.14 3.57
C SER A 54 -2.55 11.83 2.18
N ILE A 55 -2.23 10.56 1.95
CA ILE A 55 -1.72 10.17 0.65
C ILE A 55 -2.82 10.34 -0.38
N ALA A 56 -4.03 9.89 -0.05
CA ALA A 56 -5.16 9.98 -0.97
C ALA A 56 -5.42 11.40 -1.44
N SER A 57 -5.44 12.35 -0.51
CA SER A 57 -5.69 13.74 -0.85
C SER A 57 -4.70 14.29 -1.86
N ASN A 58 -3.43 13.95 -1.69
CA ASN A 58 -2.41 14.42 -2.60
C ASN A 58 -2.47 13.76 -3.97
N LEU A 59 -2.92 12.50 -4.00
CA LEU A 59 -3.05 11.80 -5.28
C LEU A 59 -4.21 12.43 -6.05
N GLU A 60 -5.28 12.79 -5.35
CA GLU A 60 -6.45 13.42 -5.97
C GLU A 60 -6.08 14.78 -6.54
N SER A 61 -5.23 15.52 -5.83
CA SER A 61 -4.78 16.81 -6.32
C SER A 61 -4.01 16.68 -7.63
N ALA A 62 -3.18 15.64 -7.72
CA ALA A 62 -2.37 15.42 -8.91
C ALA A 62 -3.11 14.87 -10.13
N PHE A 63 -4.01 13.92 -9.90
CA PHE A 63 -4.73 13.25 -10.98
C PHE A 63 -6.20 13.62 -11.14
N GLY A 64 -6.73 14.41 -10.21
CA GLY A 64 -8.13 14.77 -10.25
C GLY A 64 -8.94 13.68 -9.56
N LYS A 65 -10.08 14.07 -8.98
CA LYS A 65 -10.94 13.15 -8.25
C LYS A 65 -11.39 11.95 -9.09
N ASP A 66 -11.62 12.16 -10.38
CA ASP A 66 -12.06 11.07 -11.24
C ASP A 66 -10.89 10.36 -11.94
N GLY A 67 -9.69 10.87 -11.76
CA GLY A 67 -8.53 10.27 -12.39
C GLY A 67 -7.88 9.19 -11.54
N VAL A 68 -8.22 9.13 -10.27
CA VAL A 68 -7.63 8.13 -9.39
C VAL A 68 -8.65 7.51 -8.43
N TRP A 69 -8.59 6.18 -8.30
CA TRP A 69 -9.47 5.47 -7.38
C TRP A 69 -8.63 5.07 -6.19
N ILE A 70 -9.12 5.40 -4.99
CA ILE A 70 -8.46 5.07 -3.73
C ILE A 70 -9.21 3.88 -3.13
N GLN A 71 -8.47 2.81 -2.84
CA GLN A 71 -9.07 1.60 -2.29
C GLN A 71 -8.28 1.06 -1.10
N GLY A 72 -8.90 1.05 0.07
CA GLY A 72 -8.24 0.52 1.25
C GLY A 72 -8.49 -0.97 1.33
N VAL A 73 -7.64 -1.70 2.03
CA VAL A 73 -7.83 -3.13 2.16
C VAL A 73 -8.68 -3.37 3.40
N GLY A 74 -9.93 -3.75 3.19
CA GLY A 74 -10.82 -4.00 4.30
C GLY A 74 -11.18 -5.48 4.33
N GLY A 75 -12.48 -5.77 4.38
CA GLY A 75 -12.91 -7.16 4.38
C GLY A 75 -12.30 -8.01 5.47
N ALA A 76 -11.59 -9.06 5.06
CA ALA A 76 -10.96 -10.00 5.99
C ALA A 76 -9.74 -9.43 6.70
N TYR A 77 -9.21 -8.30 6.23
CA TYR A 77 -8.04 -7.72 6.90
C TYR A 77 -8.53 -6.94 8.12
N ARG A 78 -8.40 -7.56 9.30
CA ARG A 78 -8.83 -6.96 10.56
C ARG A 78 -7.74 -6.13 11.23
N ALA A 79 -6.52 -6.17 10.67
CA ALA A 79 -5.36 -5.42 11.22
C ALA A 79 -5.16 -5.73 12.71
N THR A 80 -5.19 -7.02 13.01
CA THR A 80 -5.02 -7.53 14.37
C THR A 80 -3.54 -7.48 14.79
N LEU A 81 -3.25 -6.78 15.89
CA LEU A 81 -1.88 -6.65 16.38
C LEU A 81 -1.09 -7.97 16.47
N GLY A 82 -1.73 -9.00 17.04
CA GLY A 82 -1.09 -10.29 17.19
C GLY A 82 -0.62 -10.94 15.90
N ASP A 83 -1.27 -10.62 14.78
CA ASP A 83 -0.89 -11.20 13.50
C ASP A 83 0.48 -10.77 12.99
N ASN A 84 1.10 -9.78 13.63
CA ASN A 84 2.44 -9.33 13.23
C ASN A 84 3.45 -10.46 13.46
N ALA A 85 3.13 -11.34 14.42
CA ALA A 85 3.98 -12.47 14.79
C ALA A 85 3.89 -13.68 13.87
N LEU A 86 2.90 -13.71 12.99
CA LEU A 86 2.73 -14.84 12.06
C LEU A 86 3.88 -14.83 11.05
N PRO A 87 4.19 -16.00 10.45
CA PRO A 87 5.28 -16.14 9.47
C PRO A 87 5.50 -14.99 8.50
N ARG A 88 4.45 -14.56 7.81
CA ARG A 88 4.60 -13.49 6.83
C ARG A 88 4.35 -12.09 7.40
N GLY A 89 4.16 -12.00 8.70
CA GLY A 89 3.92 -10.69 9.30
C GLY A 89 2.47 -10.26 9.25
N THR A 90 1.60 -11.16 8.79
CA THR A 90 0.16 -10.91 8.72
C THR A 90 -0.52 -12.27 8.51
N SER A 91 -1.85 -12.30 8.45
CA SER A 91 -2.57 -13.56 8.30
C SER A 91 -2.75 -13.95 6.84
N SER A 92 -3.02 -15.23 6.60
CA SER A 92 -3.25 -15.72 5.24
C SER A 92 -4.55 -15.11 4.70
N ALA A 93 -5.53 -14.93 5.56
CA ALA A 93 -6.81 -14.35 5.17
C ALA A 93 -6.63 -12.93 4.65
N ALA A 94 -5.77 -12.16 5.31
CA ALA A 94 -5.51 -10.79 4.88
C ALA A 94 -4.83 -10.76 3.51
N ILE A 95 -3.86 -11.64 3.32
CA ILE A 95 -3.15 -11.72 2.04
C ILE A 95 -4.14 -12.05 0.92
N ARG A 96 -5.04 -12.98 1.18
CA ARG A 96 -6.05 -13.37 0.19
C ARG A 96 -6.94 -12.17 -0.17
N GLU A 97 -7.25 -11.34 0.83
CA GLU A 97 -8.07 -10.16 0.60
C GLU A 97 -7.37 -9.14 -0.32
N MET A 98 -6.10 -8.86 -0.04
CA MET A 98 -5.39 -7.89 -0.84
C MET A 98 -5.15 -8.41 -2.27
N LEU A 99 -4.85 -9.70 -2.39
CA LEU A 99 -4.65 -10.31 -3.70
C LEU A 99 -5.95 -10.17 -4.50
N GLY A 100 -7.08 -10.36 -3.82
CA GLY A 100 -8.37 -10.24 -4.49
C GLY A 100 -8.62 -8.85 -5.02
N LEU A 101 -8.15 -7.82 -4.31
CA LEU A 101 -8.34 -6.44 -4.75
C LEU A 101 -7.49 -6.15 -5.98
N PHE A 102 -6.26 -6.65 -5.99
CA PHE A 102 -5.39 -6.46 -7.15
C PHE A 102 -6.04 -7.15 -8.35
N GLN A 103 -6.60 -8.34 -8.12
CA GLN A 103 -7.24 -9.09 -9.19
C GLN A 103 -8.48 -8.35 -9.70
N GLN A 104 -9.25 -7.77 -8.77
CA GLN A 104 -10.44 -7.00 -9.15
C GLN A 104 -10.04 -5.77 -9.98
N ALA A 105 -8.93 -5.12 -9.61
CA ALA A 105 -8.46 -3.96 -10.36
C ALA A 105 -8.08 -4.34 -11.79
N ASN A 106 -7.33 -5.43 -11.91
CA ASN A 106 -6.86 -5.92 -13.20
C ASN A 106 -8.01 -6.32 -14.14
N THR A 107 -9.08 -6.85 -13.56
CA THR A 107 -10.25 -7.27 -14.33
C THR A 107 -11.18 -6.11 -14.68
N LYS A 108 -11.49 -5.28 -13.69
CA LYS A 108 -12.36 -4.15 -13.88
C LYS A 108 -11.75 -3.07 -14.77
N CYS A 109 -10.47 -2.77 -14.55
CA CYS A 109 -9.79 -1.72 -15.32
C CYS A 109 -8.43 -2.17 -15.82
N PRO A 110 -8.40 -3.01 -16.87
CA PRO A 110 -7.14 -3.51 -17.41
C PRO A 110 -6.10 -2.47 -17.86
N ASP A 111 -6.54 -1.27 -18.20
CA ASP A 111 -5.58 -0.25 -18.65
C ASP A 111 -5.11 0.74 -17.58
N ALA A 112 -5.59 0.54 -16.36
CA ALA A 112 -5.23 1.44 -15.27
C ALA A 112 -3.83 1.12 -14.75
N THR A 113 -3.10 2.14 -14.32
CA THR A 113 -1.77 1.96 -13.74
C THR A 113 -2.05 1.80 -12.25
N LEU A 114 -1.42 0.80 -11.63
CA LEU A 114 -1.63 0.57 -10.21
C LEU A 114 -0.49 1.11 -9.36
N ILE A 115 -0.81 1.44 -8.11
CA ILE A 115 0.18 1.90 -7.16
C ILE A 115 -0.29 1.32 -5.83
N ALA A 116 0.63 1.09 -4.91
CA ALA A 116 0.25 0.46 -3.65
C ALA A 116 1.02 1.01 -2.47
N GLY A 117 0.53 0.73 -1.27
CA GLY A 117 1.22 1.19 -0.10
C GLY A 117 0.73 0.48 1.14
N GLY A 118 1.48 0.58 2.22
CA GLY A 118 1.06 -0.03 3.46
C GLY A 118 1.90 0.50 4.61
N TYR A 119 1.32 0.43 5.80
CA TYR A 119 1.99 0.91 7.00
C TYR A 119 2.02 -0.20 8.04
N SER A 120 3.19 -0.44 8.61
CA SER A 120 3.34 -1.43 9.67
C SER A 120 2.88 -2.81 9.21
N GLN A 121 1.88 -3.41 9.86
CA GLN A 121 1.40 -4.72 9.42
C GLN A 121 0.94 -4.62 7.96
N GLY A 122 0.37 -3.48 7.60
CA GLY A 122 -0.07 -3.27 6.24
C GLY A 122 1.07 -3.31 5.24
N ALA A 123 2.28 -2.93 5.68
CA ALA A 123 3.45 -2.95 4.80
C ALA A 123 3.86 -4.41 4.58
N ALA A 124 3.81 -5.23 5.64
CA ALA A 124 4.13 -6.66 5.51
C ALA A 124 3.08 -7.29 4.61
N LEU A 125 1.82 -6.91 4.79
CA LEU A 125 0.72 -7.41 3.95
C LEU A 125 0.94 -7.03 2.48
N ALA A 126 1.31 -5.77 2.22
CA ALA A 126 1.53 -5.34 0.84
C ALA A 126 2.69 -6.13 0.23
N ALA A 127 3.74 -6.34 0.99
CA ALA A 127 4.91 -7.08 0.50
C ALA A 127 4.56 -8.54 0.20
N ALA A 128 3.81 -9.18 1.10
CA ALA A 128 3.43 -10.58 0.94
C ALA A 128 2.50 -10.74 -0.26
N SER A 129 1.54 -9.83 -0.40
CA SER A 129 0.58 -9.86 -1.51
C SER A 129 1.28 -9.72 -2.86
N ILE A 130 2.16 -8.72 -2.95
CA ILE A 130 2.89 -8.44 -4.18
C ILE A 130 3.79 -9.61 -4.56
N GLU A 131 4.39 -10.25 -3.55
CA GLU A 131 5.24 -11.40 -3.79
C GLU A 131 4.44 -12.57 -4.41
N ASP A 132 3.22 -12.79 -3.92
CA ASP A 132 2.38 -13.89 -4.40
C ASP A 132 1.62 -13.61 -5.69
N LEU A 133 1.48 -12.34 -6.02
CA LEU A 133 0.74 -11.91 -7.21
C LEU A 133 1.21 -12.50 -8.52
N ASP A 134 0.26 -12.66 -9.44
CA ASP A 134 0.57 -13.14 -10.78
C ASP A 134 1.46 -12.04 -11.34
N SER A 135 2.55 -12.42 -11.99
CA SER A 135 3.48 -11.46 -12.54
C SER A 135 2.88 -10.42 -13.47
N ALA A 136 1.92 -10.82 -14.29
CA ALA A 136 1.28 -9.88 -15.22
C ALA A 136 0.59 -8.73 -14.51
N ILE A 137 0.08 -8.99 -13.31
CA ILE A 137 -0.59 -7.94 -12.52
C ILE A 137 0.45 -7.18 -11.72
N ARG A 138 1.39 -7.91 -11.12
CA ARG A 138 2.44 -7.28 -10.32
C ARG A 138 3.20 -6.25 -11.15
N ASP A 139 3.46 -6.58 -12.41
CA ASP A 139 4.20 -5.68 -13.29
C ASP A 139 3.46 -4.39 -13.61
N LYS A 140 2.17 -4.31 -13.30
CA LYS A 140 1.39 -3.09 -13.52
C LYS A 140 1.47 -2.12 -12.34
N ILE A 141 2.05 -2.58 -11.21
CA ILE A 141 2.18 -1.71 -10.04
C ILE A 141 3.43 -0.85 -10.26
N ALA A 142 3.21 0.39 -10.67
CA ALA A 142 4.28 1.33 -10.98
C ALA A 142 5.14 1.79 -9.80
N GLY A 143 4.60 1.72 -8.59
CA GLY A 143 5.36 2.14 -7.44
C GLY A 143 4.65 1.71 -6.17
N THR A 144 5.42 1.37 -5.15
CA THR A 144 4.86 0.95 -3.87
C THR A 144 5.62 1.65 -2.74
N VAL A 145 4.88 2.20 -1.77
CA VAL A 145 5.49 2.87 -0.62
C VAL A 145 5.18 2.09 0.64
N LEU A 146 6.20 1.87 1.46
CA LEU A 146 6.03 1.12 2.71
C LEU A 146 6.51 1.97 3.88
N PHE A 147 5.68 2.12 4.91
CA PHE A 147 6.05 2.91 6.09
C PHE A 147 6.22 1.95 7.27
N GLY A 148 7.27 2.11 8.08
CA GLY A 148 7.47 1.25 9.24
C GLY A 148 7.36 -0.22 8.85
N TYR A 149 8.08 -0.57 7.79
CA TYR A 149 8.10 -1.90 7.20
C TYR A 149 8.63 -2.95 8.19
N THR A 150 7.70 -3.78 8.70
CA THR A 150 8.04 -4.80 9.69
C THR A 150 8.99 -5.91 9.23
N LYS A 151 9.09 -6.10 7.91
CA LYS A 151 10.00 -7.11 7.36
C LYS A 151 11.20 -6.45 6.67
N ASN A 152 11.49 -5.21 7.04
CA ASN A 152 12.60 -4.47 6.45
C ASN A 152 13.96 -5.18 6.55
N LEU A 153 14.33 -5.61 7.74
CA LEU A 153 15.61 -6.30 7.89
C LEU A 153 15.60 -7.67 7.22
N GLN A 154 14.54 -8.43 7.46
CA GLN A 154 14.40 -9.77 6.93
C GLN A 154 14.44 -9.80 5.41
N ASN A 155 13.80 -8.84 4.77
CA ASN A 155 13.77 -8.77 3.31
C ASN A 155 14.81 -7.83 2.72
N ARG A 156 15.70 -7.32 3.56
CA ARG A 156 16.76 -6.42 3.11
C ARG A 156 16.23 -5.17 2.40
N GLY A 157 15.14 -4.61 2.92
CA GLY A 157 14.56 -3.41 2.34
C GLY A 157 13.88 -3.58 0.99
N ARG A 158 13.58 -4.82 0.62
CA ARG A 158 12.95 -5.09 -0.67
C ARG A 158 11.64 -5.79 -0.51
N ILE A 159 10.90 -5.87 -1.61
CA ILE A 159 9.65 -6.63 -1.67
C ILE A 159 10.07 -7.76 -2.61
N PRO A 160 9.97 -9.03 -2.16
CA PRO A 160 10.36 -10.13 -3.05
C PRO A 160 9.70 -10.11 -4.42
N ASN A 161 10.48 -10.38 -5.48
CA ASN A 161 9.99 -10.42 -6.87
C ASN A 161 9.56 -9.06 -7.41
N TYR A 162 9.94 -7.97 -6.75
CA TYR A 162 9.51 -6.65 -7.20
C TYR A 162 10.75 -5.75 -7.29
N PRO A 163 10.88 -4.96 -8.36
CA PRO A 163 12.06 -4.09 -8.49
C PRO A 163 12.31 -3.03 -7.43
N ALA A 164 13.58 -2.85 -7.09
CA ALA A 164 13.98 -1.85 -6.10
C ALA A 164 13.65 -0.41 -6.54
N ASP A 165 13.74 -0.13 -7.84
CA ASP A 165 13.48 1.22 -8.32
C ASP A 165 12.01 1.64 -8.19
N ARG A 166 11.14 0.66 -8.03
CA ARG A 166 9.70 0.94 -7.89
C ARG A 166 9.30 0.87 -6.42
N THR A 167 10.27 0.66 -5.55
CA THR A 167 10.00 0.54 -4.13
C THR A 167 10.56 1.70 -3.31
N LYS A 168 9.78 2.22 -2.38
CA LYS A 168 10.29 3.25 -1.49
C LYS A 168 9.91 2.88 -0.07
N VAL A 169 10.91 2.73 0.79
CA VAL A 169 10.68 2.37 2.18
C VAL A 169 11.00 3.56 3.08
N PHE A 170 10.07 3.85 4.00
CA PHE A 170 10.24 4.92 4.98
C PHE A 170 10.37 4.20 6.32
N CYS A 171 11.60 4.18 6.83
CA CYS A 171 11.89 3.53 8.10
C CYS A 171 12.66 4.52 8.96
N ASN A 172 12.01 5.00 10.02
CA ASN A 172 12.62 5.98 10.91
C ASN A 172 13.71 5.39 11.78
N THR A 173 14.71 6.21 12.09
CA THR A 173 15.78 5.81 12.99
C THR A 173 15.09 5.62 14.34
N GLY A 174 15.33 4.48 14.98
CA GLY A 174 14.68 4.24 16.25
C GLY A 174 13.38 3.45 16.13
N ASP A 175 12.92 3.20 14.90
CA ASP A 175 11.70 2.40 14.73
C ASP A 175 12.18 0.96 14.73
N LEU A 176 12.04 0.32 15.89
CA LEU A 176 12.50 -1.05 16.10
C LEU A 176 11.95 -2.12 15.14
N VAL A 177 10.78 -1.89 14.57
CA VAL A 177 10.24 -2.89 13.64
C VAL A 177 11.05 -2.94 12.35
N CYS A 178 11.82 -1.88 12.07
CA CYS A 178 12.64 -1.84 10.86
C CYS A 178 13.96 -2.57 11.06
N THR A 179 14.29 -2.87 12.31
CA THR A 179 15.53 -3.56 12.61
C THR A 179 15.36 -4.98 13.16
N GLY A 180 14.26 -5.64 12.80
CA GLY A 180 14.02 -7.01 13.19
C GLY A 180 13.26 -7.29 14.47
N SER A 181 12.73 -6.24 15.09
CA SER A 181 11.97 -6.39 16.32
C SER A 181 10.48 -6.13 16.09
N LEU A 182 9.66 -6.50 17.06
CA LEU A 182 8.23 -6.23 16.95
C LEU A 182 7.78 -5.31 18.09
N ILE A 183 8.73 -4.54 18.61
CA ILE A 183 8.45 -3.60 19.68
C ILE A 183 8.01 -2.29 19.03
N VAL A 184 6.96 -1.68 19.57
CA VAL A 184 6.45 -0.43 19.06
C VAL A 184 6.95 0.74 19.91
N ALA A 185 7.85 1.53 19.34
CA ALA A 185 8.41 2.69 20.02
C ALA A 185 7.89 3.95 19.33
N ALA A 186 8.13 5.11 19.92
CA ALA A 186 7.65 6.39 19.38
C ALA A 186 7.92 6.66 17.89
N PRO A 187 9.14 6.35 17.40
CA PRO A 187 9.40 6.60 15.98
C PRO A 187 8.47 5.86 15.00
N HIS A 188 7.85 4.76 15.46
CA HIS A 188 6.95 3.98 14.61
C HIS A 188 5.66 4.77 14.32
N LEU A 189 5.35 5.74 15.16
CA LEU A 189 4.14 6.54 15.04
C LEU A 189 4.42 7.92 14.46
N ALA A 190 5.59 8.09 13.83
CA ALA A 190 5.96 9.40 13.32
C ALA A 190 6.14 9.46 11.81
N TYR A 191 5.23 8.85 11.07
CA TYR A 191 5.33 8.87 9.62
C TYR A 191 4.43 9.91 8.95
N GLY A 192 3.72 10.69 9.76
CA GLY A 192 2.84 11.73 9.24
C GLY A 192 3.44 12.59 8.15
N PRO A 193 4.59 13.25 8.39
CA PRO A 193 5.23 14.10 7.38
C PRO A 193 5.54 13.35 6.07
N ASP A 194 5.98 12.10 6.16
CA ASP A 194 6.27 11.31 4.97
C ASP A 194 5.03 11.06 4.14
N ALA A 195 3.91 10.77 4.80
CA ALA A 195 2.65 10.50 4.11
C ALA A 195 2.11 11.76 3.42
N ARG A 196 2.45 12.93 3.96
CA ARG A 196 2.02 14.21 3.40
C ARG A 196 2.87 14.71 2.24
N GLY A 197 4.13 14.29 2.18
CA GLY A 197 4.99 14.78 1.13
C GLY A 197 5.75 13.81 0.27
N PRO A 198 6.87 13.25 0.76
CA PRO A 198 7.65 12.31 -0.05
C PRO A 198 6.97 11.06 -0.55
N ALA A 199 6.05 10.49 0.22
CA ALA A 199 5.38 9.26 -0.23
C ALA A 199 4.51 9.57 -1.47
N PRO A 200 3.57 10.53 -1.38
CA PRO A 200 2.78 10.78 -2.60
C PRO A 200 3.67 11.32 -3.73
N GLU A 201 4.71 12.08 -3.39
CA GLU A 201 5.61 12.60 -4.41
C GLU A 201 6.22 11.46 -5.22
N PHE A 202 6.66 10.41 -4.53
CA PHE A 202 7.23 9.23 -5.16
C PHE A 202 6.20 8.51 -6.04
N LEU A 203 5.00 8.27 -5.50
CA LEU A 203 3.94 7.59 -6.26
C LEU A 203 3.58 8.35 -7.55
N ILE A 204 3.45 9.67 -7.43
CA ILE A 204 3.11 10.51 -8.59
C ILE A 204 4.21 10.45 -9.65
N GLU A 205 5.46 10.51 -9.19
CA GLU A 205 6.59 10.46 -10.11
C GLU A 205 6.63 9.12 -10.85
N LYS A 206 6.40 8.02 -10.13
CA LYS A 206 6.43 6.69 -10.74
C LYS A 206 5.29 6.45 -11.75
N VAL A 207 4.13 7.03 -11.46
CA VAL A 207 2.99 6.91 -12.38
C VAL A 207 3.27 7.74 -13.64
N ARG A 208 3.77 8.96 -13.46
CA ARG A 208 4.07 9.81 -14.62
C ARG A 208 5.22 9.25 -15.46
N ALA A 209 6.12 8.49 -14.83
CA ALA A 209 7.25 7.90 -15.53
C ALA A 209 6.77 6.94 -16.62
N VAL A 210 5.68 6.23 -16.35
CA VAL A 210 5.14 5.29 -17.33
C VAL A 210 3.96 5.82 -18.13
N ARG A 211 3.20 6.75 -17.56
CA ARG A 211 2.03 7.27 -18.27
C ARG A 211 2.28 8.53 -19.06
N GLY A 212 3.38 9.22 -18.74
CA GLY A 212 3.67 10.47 -19.41
C GLY A 212 2.95 11.49 -18.55
N SER A 213 2.79 12.70 -19.04
CA SER A 213 2.11 13.73 -18.26
C SER A 213 1.36 14.67 -19.19
#